data_7A0Z
#
_entry.id   7A0Z
#
_cell.length_a   50.959
_cell.length_b   75.130
_cell.length_c   66.939
_cell.angle_alpha   90.000
_cell.angle_beta   111.790
_cell.angle_gamma   90.000
#
_symmetry.space_group_name_H-M   'P 1 21 1'
#
loop_
_entity.id
_entity.type
_entity.pdbx_description
1 polymer 'L,D-transpeptidase 2'
2 non-polymer benzenethiol
3 non-polymer TRIS(HYDROXYETHYL)AMINOMETHANE
4 water water
#
_entity_poly.entity_id   1
_entity_poly.type   'polypeptide(L)'
_entity_poly.pdbx_seq_one_letter_code
;SMAHLTMPYVMPGDGEVVGVGEPVAIRFDENIADRGAAEKAIKITTNPPVEGAFYWLNNREVRWRPEHFWKPGTAVDVAV
NTYGVDLGEGMFGEDNVQTHFTIGDEVIATADDNTKILTVRVNGEVVKSMPTSMGKDSTPTANGIYIVGSRYKHIIMDSS
TYGVPVNSPNGYRTDVDWATQISYSGVFVHSAPWSVGAQGHTNTSHGCLNVSPSNAQWFYDHVKRGDIVEVVNTVGGTLP
GIDGLGDWNIPWDQWRAGNAKA
;
_entity_poly.pdbx_strand_id   A,B
#
loop_
_chem_comp.id
_chem_comp.type
_chem_comp.name
_chem_comp.formula
BT6 non-polymer benzenethiol 'C6 H6 S'
TAM non-polymer TRIS(HYDROXYETHYL)AMINOMETHANE 'C7 H17 N O3'
#
# COMPACT_ATOMS: atom_id res chain seq x y z
N HIS A 4 14.45 4.44 -12.84
CA HIS A 4 14.95 3.05 -12.50
C HIS A 4 14.92 2.86 -10.98
N LEU A 5 13.81 3.28 -10.38
CA LEU A 5 13.53 3.12 -8.97
C LEU A 5 12.22 2.36 -8.84
N THR A 6 12.16 1.47 -7.87
CA THR A 6 10.90 0.78 -7.60
C THR A 6 10.53 0.94 -6.13
N MET A 7 9.23 1.11 -5.89
CA MET A 7 8.70 1.32 -4.56
C MET A 7 8.00 0.05 -4.11
N PRO A 8 8.43 -0.54 -2.98
CA PRO A 8 7.69 -1.67 -2.39
C PRO A 8 6.44 -1.22 -1.63
N TYR A 9 5.47 -2.11 -1.53
CA TYR A 9 4.29 -1.89 -0.74
C TYR A 9 4.03 -3.21 -0.05
N VAL A 10 3.84 -3.18 1.26
CA VAL A 10 3.60 -4.40 2.00
C VAL A 10 2.17 -4.50 2.55
N MET A 11 1.57 -5.68 2.47
CA MET A 11 0.28 -5.97 3.07
C MET A 11 0.49 -7.23 3.92
N PRO A 12 -0.27 -7.43 4.99
CA PRO A 12 -1.21 -6.43 5.50
C PRO A 12 -0.57 -5.16 5.99
N GLY A 13 -1.38 -4.12 6.18
CA GLY A 13 -0.88 -2.86 6.73
C GLY A 13 -0.53 -2.92 8.20
N ASP A 14 0.25 -1.95 8.64
CA ASP A 14 0.66 -1.87 9.99
C ASP A 14 -0.53 -1.81 10.96
N GLY A 15 -0.48 -2.66 11.98
CA GLY A 15 -1.51 -2.70 13.02
C GLY A 15 -2.72 -3.51 12.68
N GLU A 16 -2.80 -4.09 11.48
CA GLU A 16 -3.97 -4.87 11.11
C GLU A 16 -4.03 -6.19 11.85
N VAL A 17 -5.23 -6.68 12.00
CA VAL A 17 -5.52 -8.01 12.45
C VAL A 17 -6.17 -8.73 11.28
N VAL A 18 -5.61 -9.88 10.93
CA VAL A 18 -6.06 -10.64 9.77
C VAL A 18 -6.26 -12.09 10.10
N GLY A 19 -6.99 -12.80 9.26
CA GLY A 19 -7.22 -14.19 9.48
C GLY A 19 -6.06 -15.12 9.22
N VAL A 20 -6.27 -16.38 9.54
CA VAL A 20 -5.20 -17.39 9.54
C VAL A 20 -4.69 -17.76 8.16
N GLY A 21 -5.41 -17.40 7.10
CA GLY A 21 -4.93 -17.63 5.77
C GLY A 21 -4.18 -16.50 5.11
N GLU A 22 -3.97 -15.38 5.79
CA GLU A 22 -3.42 -14.20 5.13
C GLU A 22 -1.91 -14.31 4.89
N PRO A 23 -1.45 -14.32 3.64
CA PRO A 23 0.00 -14.26 3.39
C PRO A 23 0.53 -12.87 3.57
N VAL A 24 1.80 -12.78 3.93
CA VAL A 24 2.53 -11.55 3.73
C VAL A 24 2.65 -11.28 2.21
N ALA A 25 2.37 -10.06 1.79
CA ALA A 25 2.49 -9.74 0.35
C ALA A 25 3.39 -8.52 0.20
N ILE A 26 4.41 -8.65 -0.65
CA ILE A 26 5.26 -7.50 -0.97
C ILE A 26 5.12 -7.22 -2.45
N ARG A 27 4.49 -6.08 -2.74
CA ARG A 27 4.22 -5.63 -4.10
CA ARG A 27 4.21 -5.63 -4.09
C ARG A 27 5.13 -4.48 -4.56
N PHE A 28 5.86 -4.73 -5.62
CA PHE A 28 6.68 -3.71 -6.21
C PHE A 28 5.93 -3.07 -7.36
N ASP A 29 6.24 -1.81 -7.64
CA ASP A 29 5.60 -1.14 -8.78
C ASP A 29 6.38 -1.27 -10.10
N GLU A 30 7.39 -2.13 -10.14
CA GLU A 30 8.09 -2.45 -11.39
C GLU A 30 8.40 -3.94 -11.39
N ASN A 31 8.52 -4.53 -12.58
CA ASN A 31 8.94 -5.92 -12.65
C ASN A 31 10.30 -6.10 -12.04
N ILE A 32 10.44 -7.16 -11.24
CA ILE A 32 11.69 -7.44 -10.55
C ILE A 32 12.49 -8.46 -11.35
N ALA A 33 13.62 -7.98 -11.86
CA ALA A 33 14.49 -8.82 -12.67
C ALA A 33 15.20 -9.87 -11.85
N ASP A 34 15.66 -9.50 -10.65
CA ASP A 34 16.39 -10.46 -9.81
C ASP A 34 15.55 -10.75 -8.57
N ARG A 35 14.69 -11.75 -8.70
CA ARG A 35 13.79 -12.09 -7.58
C ARG A 35 14.53 -12.44 -6.31
N GLY A 36 15.63 -13.16 -6.43
CA GLY A 36 16.44 -13.52 -5.29
C GLY A 36 16.91 -12.32 -4.52
N ALA A 37 17.32 -11.27 -5.23
CA ALA A 37 17.74 -10.05 -4.58
C ALA A 37 16.63 -9.44 -3.74
N ALA A 38 15.38 -9.48 -4.22
CA ALA A 38 14.28 -8.97 -3.46
C ALA A 38 14.02 -9.84 -2.24
N GLU A 39 14.03 -11.16 -2.41
CA GLU A 39 13.77 -12.09 -1.30
C GLU A 39 14.77 -11.90 -0.17
N LYS A 40 16.04 -11.78 -0.52
CA LYS A 40 17.09 -11.56 0.45
C LYS A 40 16.99 -10.26 1.22
N ALA A 41 16.30 -9.27 0.65
CA ALA A 41 16.08 -8.00 1.30
C ALA A 41 14.87 -7.98 2.23
N ILE A 42 14.12 -9.08 2.31
CA ILE A 42 12.87 -9.11 3.06
C ILE A 42 12.98 -10.12 4.21
N LYS A 43 12.92 -9.64 5.44
CA LYS A 43 13.05 -10.52 6.60
C LYS A 43 11.78 -10.48 7.44
N ILE A 44 11.26 -11.65 7.71
CA ILE A 44 10.03 -11.82 8.41
C ILE A 44 10.28 -12.46 9.77
N THR A 45 9.86 -11.76 10.83
CA THR A 45 9.94 -12.28 12.19
C THR A 45 8.58 -12.68 12.67
N THR A 46 8.46 -13.85 13.29
CA THR A 46 7.21 -14.36 13.77
C THR A 46 7.29 -14.74 15.23
N ASN A 47 6.19 -14.55 15.96
CA ASN A 47 6.13 -14.91 17.36
C ASN A 47 4.72 -15.41 17.72
N PRO A 48 4.54 -16.69 17.96
CA PRO A 48 5.56 -17.74 18.04
C PRO A 48 6.22 -17.99 16.69
N PRO A 49 7.53 -18.32 16.70
CA PRO A 49 8.23 -18.53 15.45
C PRO A 49 7.73 -19.72 14.64
N VAL A 50 7.58 -19.50 13.33
CA VAL A 50 7.16 -20.52 12.40
C VAL A 50 7.94 -20.36 11.11
N GLU A 51 8.23 -21.48 10.47
CA GLU A 51 8.89 -21.48 9.18
C GLU A 51 7.97 -20.93 8.12
N GLY A 52 8.50 -20.14 7.20
CA GLY A 52 7.77 -19.75 6.01
C GLY A 52 8.66 -19.62 4.82
N ALA A 53 8.06 -19.33 3.67
CA ALA A 53 8.83 -19.23 2.44
C ALA A 53 8.18 -18.29 1.47
N PHE A 54 8.98 -17.79 0.52
CA PHE A 54 8.55 -16.93 -0.54
C PHE A 54 8.13 -17.67 -1.82
N TYR A 55 7.09 -17.13 -2.46
CA TYR A 55 6.63 -17.61 -3.75
C TYR A 55 6.03 -16.42 -4.50
N TRP A 56 6.45 -16.24 -5.74
CA TRP A 56 6.02 -15.13 -6.55
C TRP A 56 4.70 -15.43 -7.23
N LEU A 57 3.75 -14.52 -7.05
CA LEU A 57 2.47 -14.64 -7.77
C LEU A 57 2.54 -14.12 -9.20
N ASN A 58 3.42 -13.15 -9.43
CA ASN A 58 3.64 -12.55 -10.73
C ASN A 58 4.97 -11.83 -10.69
N ASN A 59 5.33 -11.09 -11.72
CA ASN A 59 6.64 -10.46 -11.75
C ASN A 59 6.83 -9.30 -10.78
N ARG A 60 5.74 -8.82 -10.17
CA ARG A 60 5.77 -7.67 -9.30
C ARG A 60 5.47 -7.98 -7.88
N GLU A 61 4.96 -9.16 -7.57
CA GLU A 61 4.42 -9.44 -6.22
C GLU A 61 4.92 -10.77 -5.72
N VAL A 62 5.50 -10.76 -4.51
CA VAL A 62 5.95 -11.99 -3.85
C VAL A 62 5.10 -12.17 -2.57
N ARG A 63 4.82 -13.41 -2.25
CA ARG A 63 4.08 -13.77 -1.05
C ARG A 63 4.95 -14.62 -0.12
N TRP A 64 4.71 -14.50 1.17
CA TRP A 64 5.37 -15.36 2.16
C TRP A 64 4.32 -15.91 3.07
N ARG A 65 4.37 -17.20 3.31
CA ARG A 65 3.44 -17.80 4.25
C ARG A 65 4.04 -19.10 4.83
N PRO A 66 3.49 -19.58 5.94
CA PRO A 66 3.90 -20.89 6.48
C PRO A 66 3.31 -22.07 5.73
N GLU A 67 3.69 -23.26 6.18
CA GLU A 67 3.18 -24.50 5.66
C GLU A 67 1.68 -24.69 5.92
N HIS A 68 1.29 -24.32 7.12
CA HIS A 68 -0.08 -24.43 7.57
C HIS A 68 -0.60 -23.04 7.84
N PHE A 69 -1.93 -22.96 7.97
CA PHE A 69 -2.57 -21.70 8.36
C PHE A 69 -1.87 -21.18 9.62
N TRP A 70 -1.84 -19.87 9.78
CA TRP A 70 -1.18 -19.27 10.88
C TRP A 70 -1.87 -19.67 12.19
N LYS A 71 -1.11 -19.76 13.27
CA LYS A 71 -1.68 -19.93 14.59
C LYS A 71 -2.30 -18.61 15.06
N PRO A 72 -3.57 -18.62 15.52
CA PRO A 72 -4.15 -17.39 16.04
C PRO A 72 -3.30 -16.74 17.13
N GLY A 73 -3.21 -15.43 17.08
CA GLY A 73 -2.47 -14.62 18.01
C GLY A 73 -1.03 -14.36 17.60
N THR A 74 -0.55 -15.02 16.56
CA THR A 74 0.82 -14.82 16.10
C THR A 74 1.05 -13.38 15.71
N ALA A 75 2.17 -12.82 16.13
CA ALA A 75 2.56 -11.49 15.80
C ALA A 75 3.65 -11.58 14.75
N VAL A 76 3.53 -10.76 13.72
CA VAL A 76 4.37 -10.81 12.53
C VAL A 76 4.99 -9.45 12.27
N ASP A 77 6.31 -9.40 12.08
CA ASP A 77 7.00 -8.20 11.71
C ASP A 77 7.64 -8.41 10.37
N VAL A 78 7.43 -7.51 9.45
CA VAL A 78 8.03 -7.60 8.10
C VAL A 78 8.96 -6.43 7.91
N ALA A 79 10.22 -6.69 7.60
CA ALA A 79 11.21 -5.65 7.33
C ALA A 79 11.60 -5.77 5.84
N VAL A 80 11.16 -4.85 5.01
CA VAL A 80 11.48 -4.83 3.60
C VAL A 80 12.58 -3.80 3.46
N ASN A 81 13.80 -4.29 3.46
CA ASN A 81 15.01 -3.46 3.51
C ASN A 81 15.54 -3.25 2.10
N THR A 82 14.73 -2.65 1.27
CA THR A 82 15.03 -2.52 -0.16
C THR A 82 15.67 -1.19 -0.54
N TYR A 83 15.82 -0.26 0.39
CA TYR A 83 16.39 1.06 0.07
C TYR A 83 17.79 0.90 -0.48
N GLY A 84 17.97 1.32 -1.73
CA GLY A 84 19.28 1.26 -2.36
C GLY A 84 19.77 -0.11 -2.76
N VAL A 85 18.89 -1.10 -2.69
CA VAL A 85 19.23 -2.48 -3.07
C VAL A 85 19.06 -2.64 -4.57
N ASP A 86 20.08 -3.21 -5.21
CA ASP A 86 20.04 -3.51 -6.63
C ASP A 86 19.13 -4.71 -6.90
N LEU A 87 18.01 -4.48 -7.55
CA LEU A 87 17.02 -5.52 -7.84
C LEU A 87 17.16 -6.06 -9.26
N GLY A 88 18.26 -5.75 -9.92
CA GLY A 88 18.56 -6.29 -11.27
C GLY A 88 18.20 -5.32 -12.38
N GLU A 89 18.95 -5.38 -13.49
CA GLU A 89 18.74 -4.51 -14.64
C GLU A 89 18.75 -3.01 -14.26
N GLY A 90 19.64 -2.66 -13.36
CA GLY A 90 19.81 -1.26 -12.95
C GLY A 90 18.65 -0.69 -12.16
N MET A 91 17.75 -1.55 -11.64
CA MET A 91 16.61 -1.06 -10.83
CA MET A 91 16.58 -1.12 -10.83
C MET A 91 16.83 -1.12 -9.30
N PHE A 92 16.69 0.03 -8.66
CA PHE A 92 17.04 0.11 -7.25
C PHE A 92 15.80 0.34 -6.43
N GLY A 93 15.78 -0.24 -5.23
CA GLY A 93 14.69 0.03 -4.28
C GLY A 93 14.70 1.46 -3.78
N GLU A 94 13.52 2.07 -3.79
CA GLU A 94 13.37 3.49 -3.47
C GLU A 94 13.27 3.80 -1.98
N ASP A 95 12.88 2.80 -1.19
N ASP A 95 12.80 2.83 -1.20
CA ASP A 95 12.50 3.00 0.19
CA ASP A 95 12.79 2.99 0.23
C ASP A 95 12.54 1.65 0.89
C ASP A 95 12.59 1.64 0.90
N ASN A 96 12.53 1.69 2.22
CA ASN A 96 12.23 0.53 3.04
C ASN A 96 10.78 0.64 3.42
N VAL A 97 10.14 -0.49 3.69
CA VAL A 97 8.82 -0.46 4.31
C VAL A 97 8.84 -1.46 5.45
N GLN A 98 7.98 -1.25 6.42
CA GLN A 98 7.91 -2.13 7.57
C GLN A 98 6.41 -2.32 7.87
N THR A 99 6.10 -3.41 8.52
CA THR A 99 4.77 -3.62 9.02
C THR A 99 4.82 -4.58 10.17
N HIS A 100 3.87 -4.41 11.09
CA HIS A 100 3.62 -5.33 12.16
C HIS A 100 2.16 -5.66 12.08
N PHE A 101 1.79 -6.93 12.05
CA PHE A 101 0.38 -7.30 12.11
C PHE A 101 0.22 -8.49 12.97
N THR A 102 -1.04 -8.83 13.23
CA THR A 102 -1.37 -9.97 14.08
CA THR A 102 -1.39 -9.94 14.13
C THR A 102 -2.41 -10.85 13.45
N ILE A 103 -2.34 -12.13 13.77
CA ILE A 103 -3.31 -13.11 13.32
C ILE A 103 -4.46 -13.15 14.31
N GLY A 104 -5.68 -13.00 13.81
CA GLY A 104 -6.87 -13.05 14.65
C GLY A 104 -7.38 -14.46 14.90
N ASP A 105 -8.67 -14.56 15.25
CA ASP A 105 -9.28 -15.86 15.49
C ASP A 105 -9.20 -16.71 14.23
N GLU A 106 -9.19 -18.02 14.39
CA GLU A 106 -9.31 -18.94 13.33
C GLU A 106 -10.76 -18.98 12.84
N VAL A 107 -11.01 -18.52 11.61
CA VAL A 107 -12.37 -18.49 11.05
C VAL A 107 -12.29 -19.25 9.75
N ILE A 108 -12.91 -20.41 9.68
CA ILE A 108 -12.92 -21.22 8.52
C ILE A 108 -14.35 -21.54 8.11
N ALA A 109 -14.74 -21.17 6.92
CA ALA A 109 -16.09 -21.46 6.43
C ALA A 109 -16.00 -22.52 5.36
N THR A 110 -16.70 -23.64 5.53
CA THR A 110 -16.65 -24.68 4.58
C THR A 110 -17.99 -24.80 3.83
N ALA A 111 -17.93 -24.69 2.50
CA ALA A 111 -19.06 -24.86 1.62
C ALA A 111 -18.97 -26.27 1.07
N ASP A 112 -19.91 -27.12 1.47
CA ASP A 112 -19.90 -28.53 1.04
C ASP A 112 -21.02 -28.75 0.04
N ASP A 113 -20.69 -29.07 -1.21
CA ASP A 113 -21.72 -29.24 -2.22
C ASP A 113 -22.58 -30.51 -1.99
N ASN A 114 -22.09 -31.43 -1.17
CA ASN A 114 -22.93 -32.63 -0.89
C ASN A 114 -24.07 -32.29 0.08
N THR A 115 -23.86 -31.34 0.99
CA THR A 115 -24.92 -30.90 1.91
C THR A 115 -25.58 -29.59 1.47
N LYS A 116 -24.90 -28.85 0.60
CA LYS A 116 -25.25 -27.46 0.24
C LYS A 116 -25.44 -26.55 1.40
N ILE A 117 -24.55 -26.69 2.37
CA ILE A 117 -24.48 -25.84 3.52
C ILE A 117 -23.07 -25.26 3.60
N LEU A 118 -23.01 -24.00 3.95
CA LEU A 118 -21.76 -23.30 4.25
C LEU A 118 -21.72 -23.16 5.76
N THR A 119 -20.76 -23.85 6.41
CA THR A 119 -20.67 -23.82 7.86
C THR A 119 -19.48 -22.96 8.30
N VAL A 120 -19.73 -22.01 9.21
CA VAL A 120 -18.66 -21.12 9.70
C VAL A 120 -18.23 -21.56 11.07
N ARG A 121 -16.95 -21.90 11.21
CA ARG A 121 -16.39 -22.29 12.50
C ARG A 121 -15.40 -21.26 12.99
N VAL A 122 -15.52 -20.87 14.26
CA VAL A 122 -14.63 -19.90 14.86
C VAL A 122 -13.90 -20.63 15.96
N ASN A 123 -12.57 -20.73 15.83
CA ASN A 123 -11.76 -21.49 16.80
C ASN A 123 -12.36 -22.87 17.03
N GLY A 124 -12.79 -23.48 15.92
CA GLY A 124 -13.31 -24.83 15.89
C GLY A 124 -14.80 -25.00 16.12
N GLU A 125 -15.47 -23.95 16.59
CA GLU A 125 -16.86 -24.05 17.04
C GLU A 125 -17.79 -23.49 15.97
N VAL A 126 -18.85 -24.22 15.67
CA VAL A 126 -19.84 -23.78 14.70
C VAL A 126 -20.57 -22.58 15.27
N VAL A 127 -20.57 -21.50 14.52
CA VAL A 127 -21.30 -20.32 14.91
C VAL A 127 -22.45 -20.03 13.95
N LYS A 128 -22.36 -20.55 12.72
CA LYS A 128 -23.40 -20.34 11.69
C LYS A 128 -23.42 -21.49 10.73
N SER A 129 -24.61 -21.86 10.29
CA SER A 129 -24.84 -22.84 9.27
C SER A 129 -25.72 -22.10 8.27
N MET A 130 -25.27 -22.02 7.02
CA MET A 130 -25.98 -21.23 5.99
C MET A 130 -26.29 -22.10 4.78
N PRO A 131 -27.56 -22.32 4.43
CA PRO A 131 -27.81 -22.96 3.17
C PRO A 131 -27.24 -22.13 2.03
N THR A 132 -26.72 -22.80 1.02
CA THR A 132 -26.09 -22.14 -0.09
C THR A 132 -26.51 -22.70 -1.44
N SER A 133 -26.43 -21.86 -2.45
CA SER A 133 -26.58 -22.27 -3.83
C SER A 133 -25.29 -21.80 -4.52
N MET A 134 -24.56 -22.74 -5.11
CA MET A 134 -23.27 -22.46 -5.72
C MET A 134 -23.39 -22.55 -7.24
N GLY A 135 -22.28 -22.62 -7.95
CA GLY A 135 -22.29 -22.63 -9.41
C GLY A 135 -23.07 -23.79 -9.98
N LYS A 136 -23.90 -23.52 -10.99
CA LYS A 136 -24.62 -24.59 -11.69
C LYS A 136 -23.60 -25.49 -12.37
N ASP A 137 -24.00 -26.70 -12.73
CA ASP A 137 -23.05 -27.66 -13.31
C ASP A 137 -22.26 -27.11 -14.49
N SER A 138 -22.85 -26.28 -15.35
CA SER A 138 -22.12 -25.71 -16.49
C SER A 138 -21.14 -24.62 -16.11
N THR A 139 -21.30 -24.00 -14.94
CA THR A 139 -20.40 -22.93 -14.49
C THR A 139 -20.16 -23.20 -12.99
N PRO A 140 -19.47 -24.31 -12.65
CA PRO A 140 -19.40 -24.68 -11.25
C PRO A 140 -18.40 -23.87 -10.44
N THR A 141 -18.62 -23.88 -9.14
CA THR A 141 -17.68 -23.34 -8.19
C THR A 141 -16.51 -24.29 -8.04
N ALA A 142 -15.29 -23.79 -8.19
CA ALA A 142 -14.12 -24.63 -8.00
C ALA A 142 -13.95 -25.03 -6.56
N ASN A 143 -13.54 -26.27 -6.31
CA ASN A 143 -13.13 -26.68 -4.99
C ASN A 143 -11.80 -26.04 -4.63
N GLY A 144 -11.50 -25.99 -3.36
CA GLY A 144 -10.19 -25.56 -2.90
C GLY A 144 -10.30 -24.58 -1.77
N ILE A 145 -9.18 -23.93 -1.49
CA ILE A 145 -9.04 -23.06 -0.37
C ILE A 145 -8.94 -21.65 -0.89
N TYR A 146 -9.84 -20.79 -0.43
CA TYR A 146 -9.92 -19.40 -0.85
C TYR A 146 -9.61 -18.49 0.36
N ILE A 147 -8.83 -17.44 0.12
CA ILE A 147 -8.59 -16.47 1.16
C ILE A 147 -9.58 -15.34 1.02
N VAL A 148 -10.20 -14.93 2.12
CA VAL A 148 -11.09 -13.81 2.08
C VAL A 148 -10.37 -12.50 1.84
N GLY A 149 -10.92 -11.69 0.94
CA GLY A 149 -10.40 -10.36 0.62
C GLY A 149 -11.28 -9.22 1.05
N SER A 150 -11.65 -8.35 0.10
CA SER A 150 -12.48 -7.18 0.38
C SER A 150 -13.96 -7.53 0.56
N ARG A 151 -14.70 -6.58 1.09
CA ARG A 151 -16.14 -6.75 1.29
C ARG A 151 -16.86 -5.50 0.80
N TYR A 152 -18.06 -5.71 0.31
CA TYR A 152 -18.83 -4.63 -0.33
C TYR A 152 -20.27 -4.66 0.12
N LYS A 153 -20.81 -3.53 0.54
CA LYS A 153 -22.23 -3.50 0.91
C LYS A 153 -23.12 -3.71 -0.29
N HIS A 154 -22.68 -3.19 -1.42
CA HIS A 154 -23.39 -3.37 -2.68
CA HIS A 154 -23.40 -3.34 -2.68
C HIS A 154 -22.35 -3.30 -3.80
N ILE A 155 -22.56 -4.09 -4.82
CA ILE A 155 -21.62 -4.13 -5.95
C ILE A 155 -22.46 -4.45 -7.19
N ILE A 156 -22.11 -3.86 -8.32
CA ILE A 156 -22.75 -4.21 -9.56
C ILE A 156 -21.73 -5.17 -10.17
N MET A 157 -22.09 -6.44 -10.21
CA MET A 157 -21.22 -7.46 -10.74
C MET A 157 -21.41 -7.47 -12.24
N ASP A 158 -20.36 -7.19 -13.00
CA ASP A 158 -20.48 -7.02 -14.43
C ASP A 158 -19.29 -7.74 -15.00
N SER A 159 -19.52 -8.76 -15.83
CA SER A 159 -18.43 -9.59 -16.36
C SER A 159 -17.46 -8.80 -17.22
N SER A 160 -17.85 -7.65 -17.73
CA SER A 160 -16.88 -6.85 -18.49
C SER A 160 -15.73 -6.37 -17.65
N THR A 161 -15.90 -6.34 -16.34
CA THR A 161 -14.77 -6.07 -15.43
C THR A 161 -13.62 -7.03 -15.70
N TYR A 162 -13.94 -8.27 -16.06
CA TYR A 162 -12.96 -9.32 -16.27
C TYR A 162 -12.75 -9.61 -17.76
N GLY A 163 -13.14 -8.69 -18.62
CA GLY A 163 -12.92 -8.81 -20.06
C GLY A 163 -13.86 -9.76 -20.75
N VAL A 164 -15.00 -10.06 -20.13
CA VAL A 164 -16.00 -10.95 -20.72
C VAL A 164 -17.28 -10.15 -21.05
N PRO A 165 -17.67 -10.01 -22.34
CA PRO A 165 -18.90 -9.23 -22.64
C PRO A 165 -20.14 -9.78 -21.96
N VAL A 166 -21.00 -8.92 -21.43
CA VAL A 166 -22.17 -9.37 -20.69
C VAL A 166 -23.06 -10.27 -21.53
N ASN A 167 -23.29 -9.90 -22.79
CA ASN A 167 -24.14 -10.69 -23.67
C ASN A 167 -23.27 -11.63 -24.53
N SER A 168 -22.60 -12.52 -23.84
CA SER A 168 -21.79 -13.53 -24.45
C SER A 168 -21.81 -14.72 -23.50
N PRO A 169 -21.29 -15.88 -23.93
CA PRO A 169 -21.55 -17.14 -23.23
C PRO A 169 -21.19 -17.13 -21.75
N ASN A 170 -20.06 -16.54 -21.40
CA ASN A 170 -19.66 -16.53 -19.99
C ASN A 170 -19.99 -15.22 -19.26
N GLY A 171 -20.77 -14.34 -19.88
CA GLY A 171 -21.09 -13.07 -19.30
C GLY A 171 -22.18 -13.06 -18.26
N TYR A 172 -22.25 -11.93 -17.56
CA TYR A 172 -23.26 -11.72 -16.51
C TYR A 172 -23.27 -10.28 -16.08
N ARG A 173 -24.39 -9.89 -15.51
CA ARG A 173 -24.59 -8.57 -14.94
C ARG A 173 -25.68 -8.68 -13.86
N THR A 174 -25.33 -8.40 -12.62
CA THR A 174 -26.24 -8.64 -11.51
C THR A 174 -25.92 -7.64 -10.40
N ASP A 175 -26.92 -6.91 -9.94
CA ASP A 175 -26.76 -6.03 -8.79
C ASP A 175 -26.87 -6.88 -7.53
N VAL A 176 -25.87 -6.84 -6.63
CA VAL A 176 -25.92 -7.67 -5.39
C VAL A 176 -25.55 -6.90 -4.14
N ASP A 177 -26.09 -7.37 -3.04
CA ASP A 177 -25.80 -6.84 -1.72
C ASP A 177 -24.90 -7.78 -0.95
N TRP A 178 -24.20 -7.22 0.03
CA TRP A 178 -23.46 -7.96 1.06
C TRP A 178 -22.51 -8.99 0.46
N ALA A 179 -21.52 -8.50 -0.30
CA ALA A 179 -20.62 -9.34 -1.07
C ALA A 179 -19.26 -9.42 -0.43
N THR A 180 -18.79 -10.63 -0.14
CA THR A 180 -17.46 -10.83 0.39
C THR A 180 -16.64 -11.53 -0.70
N GLN A 181 -15.52 -10.90 -1.09
CA GLN A 181 -14.67 -11.42 -2.15
CA GLN A 181 -14.67 -11.41 -2.14
C GLN A 181 -13.80 -12.56 -1.65
N ILE A 182 -13.80 -13.67 -2.40
CA ILE A 182 -12.91 -14.80 -2.10
C ILE A 182 -11.95 -15.21 -3.22
N SER A 183 -12.06 -14.57 -4.38
CA SER A 183 -11.02 -14.68 -5.42
C SER A 183 -10.88 -13.44 -6.23
N TYR A 184 -9.68 -13.23 -6.76
CA TYR A 184 -9.45 -12.09 -7.67
C TYR A 184 -10.18 -12.30 -8.98
N SER A 185 -10.48 -13.55 -9.29
CA SER A 185 -11.21 -13.89 -10.53
C SER A 185 -12.69 -13.51 -10.45
N GLY A 186 -13.16 -13.11 -9.27
CA GLY A 186 -14.54 -12.62 -9.15
C GLY A 186 -15.53 -13.53 -8.45
N VAL A 187 -15.05 -14.44 -7.61
CA VAL A 187 -15.93 -15.27 -6.81
C VAL A 187 -16.19 -14.55 -5.51
N PHE A 188 -17.46 -14.51 -5.10
CA PHE A 188 -17.93 -13.87 -3.91
C PHE A 188 -18.92 -14.75 -3.17
N VAL A 189 -19.05 -14.50 -1.87
CA VAL A 189 -20.22 -14.93 -1.10
C VAL A 189 -21.11 -13.69 -1.08
N HIS A 190 -22.38 -13.83 -1.46
CA HIS A 190 -23.27 -12.66 -1.48
C HIS A 190 -24.72 -13.00 -1.23
N SER A 191 -25.51 -11.95 -1.02
CA SER A 191 -26.94 -12.06 -0.82
C SER A 191 -27.65 -12.41 -2.10
N ALA A 192 -28.57 -13.34 -2.02
CA ALA A 192 -29.37 -13.73 -3.18
C ALA A 192 -30.79 -14.02 -2.70
N PRO A 193 -31.63 -12.99 -2.50
CA PRO A 193 -32.99 -13.26 -2.01
C PRO A 193 -33.81 -14.07 -2.97
N TRP A 194 -33.51 -13.97 -4.24
CA TRP A 194 -34.27 -14.64 -5.27
C TRP A 194 -33.98 -16.13 -5.33
N SER A 195 -32.96 -16.62 -4.61
CA SER A 195 -32.66 -18.06 -4.67
C SER A 195 -32.72 -18.74 -3.34
N VAL A 196 -33.42 -18.14 -2.39
CA VAL A 196 -33.56 -18.72 -1.09
C VAL A 196 -34.20 -20.10 -1.17
N GLY A 197 -35.18 -20.30 -2.05
CA GLY A 197 -35.78 -21.65 -2.19
C GLY A 197 -34.76 -22.71 -2.58
N ALA A 198 -33.88 -22.32 -3.49
CA ALA A 198 -32.87 -23.23 -4.04
C ALA A 198 -31.70 -23.45 -3.07
N GLN A 199 -31.43 -22.48 -2.21
CA GLN A 199 -30.30 -22.60 -1.31
C GLN A 199 -30.47 -23.82 -0.44
N GLY A 200 -29.46 -24.68 -0.40
CA GLY A 200 -29.58 -25.92 0.33
C GLY A 200 -30.09 -27.07 -0.52
N HIS A 201 -30.39 -26.80 -1.79
CA HIS A 201 -31.00 -27.83 -2.68
C HIS A 201 -30.39 -27.92 -4.04
N THR A 202 -30.27 -26.80 -4.73
CA THR A 202 -29.82 -26.79 -6.09
C THR A 202 -28.90 -25.62 -6.36
N ASN A 203 -27.91 -25.87 -7.20
CA ASN A 203 -26.95 -24.87 -7.59
C ASN A 203 -27.48 -24.12 -8.79
N THR A 204 -27.48 -22.80 -8.68
CA THR A 204 -28.09 -21.93 -9.69
C THR A 204 -27.20 -20.79 -10.16
N SER A 205 -25.99 -20.61 -9.60
CA SER A 205 -25.21 -19.42 -9.88
C SER A 205 -24.18 -19.57 -10.98
N HIS A 206 -23.42 -18.51 -11.21
CA HIS A 206 -22.34 -18.52 -12.16
C HIS A 206 -21.03 -18.95 -11.55
N GLY A 207 -21.05 -19.25 -10.25
CA GLY A 207 -19.85 -19.64 -9.57
C GLY A 207 -19.79 -19.09 -8.16
N CYS A 208 -20.47 -17.97 -7.89
CA CYS A 208 -20.51 -17.42 -6.56
C CYS A 208 -21.35 -18.23 -5.60
N LEU A 209 -21.14 -18.01 -4.33
CA LEU A 209 -21.88 -18.72 -3.28
C LEU A 209 -23.01 -17.82 -2.82
N ASN A 210 -24.22 -18.16 -3.25
CA ASN A 210 -25.46 -17.43 -2.91
C ASN A 210 -25.95 -17.90 -1.52
N VAL A 211 -26.24 -16.96 -0.63
CA VAL A 211 -26.83 -17.25 0.66
C VAL A 211 -27.94 -16.22 0.89
N SER A 212 -28.68 -16.40 1.96
CA SER A 212 -29.77 -15.48 2.25
C SER A 212 -29.28 -14.09 2.61
N PRO A 213 -30.16 -13.09 2.52
CA PRO A 213 -29.70 -11.77 2.90
C PRO A 213 -29.17 -11.65 4.31
N SER A 214 -29.83 -12.25 5.29
CA SER A 214 -29.35 -12.14 6.65
C SER A 214 -28.01 -12.89 6.81
N ASN A 215 -27.86 -14.03 6.14
CA ASN A 215 -26.59 -14.77 6.23
C ASN A 215 -25.47 -14.04 5.50
N ALA A 216 -25.78 -13.42 4.37
CA ALA A 216 -24.73 -12.67 3.64
C ALA A 216 -24.27 -11.46 4.44
N GLN A 217 -25.20 -10.75 5.08
CA GLN A 217 -24.83 -9.63 5.95
C GLN A 217 -24.02 -10.11 7.17
N TRP A 218 -24.42 -11.25 7.75
CA TRP A 218 -23.64 -11.82 8.84
C TRP A 218 -22.20 -12.10 8.37
N PHE A 219 -22.08 -12.68 7.20
CA PHE A 219 -20.74 -13.03 6.65
C PHE A 219 -19.92 -11.77 6.46
N TYR A 220 -20.53 -10.74 5.87
CA TYR A 220 -19.87 -9.43 5.71
C TYR A 220 -19.41 -8.84 7.04
N ASP A 221 -20.25 -8.98 8.04
CA ASP A 221 -19.95 -8.44 9.38
C ASP A 221 -18.89 -9.21 10.17
N HIS A 222 -18.84 -10.51 10.01
CA HIS A 222 -18.02 -11.37 10.89
C HIS A 222 -16.89 -12.14 10.28
N VAL A 223 -16.83 -12.20 8.97
CA VAL A 223 -15.69 -12.81 8.30
C VAL A 223 -14.83 -11.65 7.77
N LYS A 224 -13.54 -11.74 7.97
CA LYS A 224 -12.61 -10.65 7.71
C LYS A 224 -11.53 -11.11 6.74
N ARG A 225 -10.79 -10.12 6.25
CA ARG A 225 -9.67 -10.32 5.36
C ARG A 225 -8.73 -11.35 5.99
N GLY A 226 -8.41 -12.37 5.23
CA GLY A 226 -7.50 -13.41 5.65
C GLY A 226 -8.12 -14.64 6.25
N ASP A 227 -9.43 -14.55 6.55
CA ASP A 227 -10.15 -15.74 6.92
C ASP A 227 -10.26 -16.67 5.71
N ILE A 228 -10.70 -17.89 5.96
CA ILE A 228 -10.66 -18.94 4.93
C ILE A 228 -12.05 -19.43 4.57
N VAL A 229 -12.27 -19.62 3.28
CA VAL A 229 -13.41 -20.36 2.77
C VAL A 229 -12.84 -21.59 2.06
N GLU A 230 -13.33 -22.77 2.43
CA GLU A 230 -12.98 -23.99 1.71
C GLU A 230 -14.23 -24.49 1.00
N VAL A 231 -14.10 -24.77 -0.28
CA VAL A 231 -15.17 -25.36 -1.06
C VAL A 231 -14.77 -26.81 -1.28
N VAL A 232 -15.73 -27.72 -1.05
CA VAL A 232 -15.52 -29.14 -1.24
C VAL A 232 -16.69 -29.82 -1.92
N ASN A 233 -16.36 -30.92 -2.60
CA ASN A 233 -17.33 -31.82 -3.27
C ASN A 233 -18.10 -31.25 -4.44
N THR A 234 -17.70 -30.12 -5.01
CA THR A 234 -18.34 -29.67 -6.23
C THR A 234 -17.91 -30.45 -7.45
N VAL A 235 -18.62 -30.26 -8.56
CA VAL A 235 -18.18 -30.82 -9.83
C VAL A 235 -17.13 -29.98 -10.56
N GLY A 236 -16.65 -28.89 -9.93
CA GLY A 236 -15.63 -28.04 -10.56
C GLY A 236 -14.21 -28.55 -10.44
N GLY A 237 -13.28 -27.72 -10.88
CA GLY A 237 -11.87 -28.04 -10.77
C GLY A 237 -11.36 -27.57 -9.44
N THR A 238 -10.12 -27.12 -9.41
CA THR A 238 -9.54 -26.51 -8.23
C THR A 238 -9.12 -25.08 -8.50
N LEU A 239 -9.31 -24.20 -7.53
CA LEU A 239 -8.96 -22.79 -7.67
C LEU A 239 -7.46 -22.62 -7.96
N PRO A 240 -7.07 -21.82 -8.99
CA PRO A 240 -5.63 -21.70 -9.27
C PRO A 240 -4.86 -21.13 -8.10
N GLY A 241 -3.71 -21.75 -7.83
CA GLY A 241 -2.78 -21.23 -6.84
C GLY A 241 -2.33 -19.80 -6.99
N ILE A 242 -2.27 -19.30 -8.23
CA ILE A 242 -1.86 -17.92 -8.46
C ILE A 242 -3.01 -16.98 -8.80
N ASP A 243 -4.24 -17.34 -8.40
CA ASP A 243 -5.34 -16.39 -8.46
C ASP A 243 -5.08 -15.00 -7.90
N GLY A 244 -4.44 -14.95 -6.73
CA GLY A 244 -4.30 -13.78 -5.91
C GLY A 244 -4.81 -14.06 -4.49
N LEU A 245 -5.86 -14.86 -4.40
CA LEU A 245 -6.35 -15.34 -3.10
C LEU A 245 -6.32 -16.86 -3.06
N GLY A 246 -5.59 -17.51 -4.00
CA GLY A 246 -5.56 -18.94 -4.07
C GLY A 246 -4.28 -19.61 -3.59
N ASP A 247 -3.48 -18.88 -2.80
CA ASP A 247 -2.13 -19.32 -2.41
C ASP A 247 -2.06 -20.70 -1.79
N TRP A 248 -3.07 -21.06 -1.02
CA TRP A 248 -3.04 -22.32 -0.31
C TRP A 248 -3.31 -23.55 -1.18
N ASN A 249 -3.72 -23.34 -2.42
CA ASN A 249 -3.83 -24.44 -3.35
C ASN A 249 -2.52 -24.84 -3.99
N ILE A 250 -1.43 -24.13 -3.68
CA ILE A 250 -0.12 -24.61 -4.04
C ILE A 250 0.40 -25.42 -2.86
N PRO A 251 0.74 -26.70 -3.07
CA PRO A 251 1.23 -27.51 -1.94
C PRO A 251 2.54 -26.96 -1.39
N TRP A 252 2.72 -27.11 -0.10
CA TRP A 252 3.91 -26.59 0.60
C TRP A 252 5.22 -27.02 -0.06
N ASP A 253 5.33 -28.25 -0.55
CA ASP A 253 6.62 -28.63 -1.15
C ASP A 253 6.96 -27.76 -2.36
N GLN A 254 5.96 -27.46 -3.16
CA GLN A 254 6.17 -26.59 -4.30
C GLN A 254 6.38 -25.13 -3.84
N TRP A 255 5.58 -24.66 -2.89
CA TRP A 255 5.69 -23.28 -2.43
C TRP A 255 7.09 -23.04 -1.85
N ARG A 256 7.54 -23.94 -0.99
CA ARG A 256 8.82 -23.79 -0.32
C ARG A 256 9.96 -23.79 -1.32
N ALA A 257 9.88 -24.64 -2.35
CA ALA A 257 10.93 -24.64 -3.39
C ALA A 257 11.03 -23.28 -4.07
N GLY A 258 9.91 -22.57 -4.16
CA GLY A 258 9.85 -21.22 -4.67
C GLY A 258 10.00 -21.15 -6.17
N ASN A 259 10.12 -19.94 -6.67
CA ASN A 259 10.25 -19.68 -8.10
C ASN A 259 11.12 -18.46 -8.34
N ALA A 260 12.18 -18.35 -7.56
CA ALA A 260 13.05 -17.15 -7.60
C ALA A 260 13.91 -17.14 -8.85
N LYS A 261 14.23 -18.30 -9.39
CA LYS A 261 14.98 -18.33 -10.65
C LYS A 261 14.06 -18.40 -11.85
N ALA A 262 12.76 -18.18 -11.66
CA ALA A 262 11.85 -18.04 -12.80
C ALA A 262 11.41 -16.61 -12.97
N HIS B 4 -7.29 -5.27 -19.04
CA HIS B 4 -6.91 -6.13 -17.87
C HIS B 4 -7.37 -5.45 -16.57
N LEU B 5 -6.63 -5.68 -15.49
CA LEU B 5 -7.02 -5.21 -14.18
C LEU B 5 -5.93 -4.39 -13.48
N THR B 6 -6.34 -3.47 -12.62
CA THR B 6 -5.38 -2.73 -11.80
C THR B 6 -5.77 -2.68 -10.32
N MET B 7 -4.77 -2.74 -9.48
CA MET B 7 -4.96 -2.68 -8.08
C MET B 7 -4.42 -1.36 -7.59
N PRO B 8 -5.21 -0.62 -6.81
CA PRO B 8 -4.67 0.63 -6.30
C PRO B 8 -4.11 0.38 -4.94
N TYR B 9 -3.32 1.34 -4.47
CA TYR B 9 -3.13 1.41 -3.03
C TYR B 9 -3.05 2.84 -2.57
N VAL B 10 -3.36 3.03 -1.31
CA VAL B 10 -3.59 4.35 -0.75
C VAL B 10 -2.67 4.61 0.40
N MET B 11 -2.20 5.86 0.48
CA MET B 11 -1.38 6.35 1.60
C MET B 11 -1.95 7.68 2.02
N PRO B 12 -1.83 8.07 3.29
CA PRO B 12 -1.15 7.31 4.30
C PRO B 12 -1.91 6.06 4.80
N GLY B 13 -1.19 5.25 5.56
CA GLY B 13 -1.75 4.04 6.12
C GLY B 13 -2.88 4.25 7.08
N ASP B 14 -3.74 3.25 7.16
CA ASP B 14 -4.88 3.30 8.02
C ASP B 14 -4.42 3.43 9.48
N GLY B 15 -5.04 4.36 10.20
CA GLY B 15 -4.75 4.57 11.59
C GLY B 15 -3.57 5.48 11.89
N GLU B 16 -2.89 6.00 10.87
CA GLU B 16 -1.70 6.82 11.10
CA GLU B 16 -1.70 6.79 11.17
C GLU B 16 -2.03 8.21 11.61
N VAL B 17 -1.11 8.81 12.32
CA VAL B 17 -1.13 10.24 12.60
C VAL B 17 0.01 10.81 11.75
N VAL B 18 -0.30 11.80 10.92
CA VAL B 18 0.67 12.37 9.96
C VAL B 18 0.68 13.87 10.12
N GLY B 19 1.76 14.49 9.62
CA GLY B 19 1.88 15.93 9.69
C GLY B 19 1.03 16.71 8.71
N VAL B 20 1.10 18.02 8.88
CA VAL B 20 0.16 18.93 8.22
C VAL B 20 0.42 19.08 6.71
N GLY B 21 1.55 18.59 6.23
CA GLY B 21 1.85 18.57 4.85
C GLY B 21 1.48 17.32 4.09
N GLU B 22 0.88 16.31 4.73
CA GLU B 22 0.77 15.00 4.08
C GLU B 22 -0.39 14.97 3.08
N PRO B 23 -0.11 14.72 1.80
CA PRO B 23 -1.21 14.57 0.87
C PRO B 23 -1.78 13.18 0.94
N VAL B 24 -3.03 13.04 0.53
CA VAL B 24 -3.56 11.70 0.21
C VAL B 24 -2.91 11.26 -1.09
N ALA B 25 -2.42 10.02 -1.15
CA ALA B 25 -1.80 9.49 -2.38
C ALA B 25 -2.49 8.22 -2.78
N ILE B 26 -2.88 8.13 -4.04
CA ILE B 26 -3.45 6.92 -4.62
C ILE B 26 -2.55 6.51 -5.78
N ARG B 27 -1.94 5.33 -5.65
CA ARG B 27 -0.97 4.82 -6.62
C ARG B 27 -1.59 3.63 -7.30
N PHE B 28 -1.34 3.47 -8.58
CA PHE B 28 -1.90 2.34 -9.30
C PHE B 28 -0.75 1.54 -9.87
N ASP B 29 -1.03 0.25 -10.12
CA ASP B 29 -0.02 -0.64 -10.68
C ASP B 29 0.03 -0.68 -12.21
N GLU B 30 -0.72 0.18 -12.88
CA GLU B 30 -0.63 0.37 -14.32
C GLU B 30 -0.88 1.87 -14.61
N ASN B 31 -0.37 2.38 -15.72
CA ASN B 31 -0.68 3.76 -16.19
C ASN B 31 -2.17 3.89 -16.36
N ILE B 32 -2.73 5.01 -15.90
CA ILE B 32 -4.15 5.24 -15.97
C ILE B 32 -4.47 6.04 -17.21
N ALA B 33 -5.23 5.43 -18.12
CA ALA B 33 -5.58 6.12 -19.35
C ALA B 33 -6.62 7.21 -19.15
N ASP B 34 -7.59 6.99 -18.26
CA ASP B 34 -8.64 7.92 -18.03
C ASP B 34 -8.49 8.43 -16.60
N ARG B 35 -7.70 9.48 -16.47
CA ARG B 35 -7.47 10.06 -15.13
C ARG B 35 -8.73 10.55 -14.45
N GLY B 36 -9.63 11.15 -15.23
CA GLY B 36 -10.90 11.62 -14.72
C GLY B 36 -11.72 10.51 -14.08
N ALA B 37 -11.69 9.34 -14.68
CA ALA B 37 -12.41 8.21 -14.13
C ALA B 37 -11.87 7.78 -12.78
N ALA B 38 -10.55 7.81 -12.65
CA ALA B 38 -9.95 7.49 -11.37
C ALA B 38 -10.30 8.51 -10.32
N GLU B 39 -10.28 9.80 -10.69
CA GLU B 39 -10.62 10.83 -9.72
C GLU B 39 -12.06 10.68 -9.23
N LYS B 40 -13.00 10.42 -10.13
CA LYS B 40 -14.40 10.28 -9.72
C LYS B 40 -14.67 9.06 -8.89
N ALA B 41 -13.78 8.07 -8.91
CA ALA B 41 -13.88 6.90 -8.07
C ALA B 41 -13.36 7.06 -6.64
N ILE B 42 -12.69 8.17 -6.33
CA ILE B 42 -12.02 8.36 -5.04
C ILE B 42 -12.76 9.41 -4.23
N LYS B 43 -13.32 8.99 -3.09
CA LYS B 43 -14.13 9.84 -2.28
C LYS B 43 -13.35 10.21 -1.03
N ILE B 44 -13.12 11.49 -0.84
CA ILE B 44 -12.37 11.95 0.33
C ILE B 44 -13.28 12.74 1.24
N THR B 45 -13.34 12.34 2.51
CA THR B 45 -14.15 13.05 3.50
C THR B 45 -13.23 13.63 4.56
N THR B 46 -13.44 14.89 4.96
CA THR B 46 -12.62 15.55 5.96
C THR B 46 -13.47 16.14 7.07
N ASN B 47 -12.96 16.10 8.30
CA ASN B 47 -13.65 16.66 9.45
C ASN B 47 -12.62 17.33 10.35
N PRO B 48 -12.59 18.66 10.44
CA PRO B 48 -13.51 19.60 9.82
C PRO B 48 -13.42 19.57 8.30
N PRO B 49 -14.56 19.76 7.60
CA PRO B 49 -14.52 19.75 6.14
C PRO B 49 -13.59 20.84 5.59
N VAL B 50 -12.76 20.47 4.62
CA VAL B 50 -11.89 21.41 3.94
C VAL B 50 -11.86 21.05 2.46
N GLU B 51 -11.79 22.05 1.60
CA GLU B 51 -11.69 21.85 0.17
C GLU B 51 -10.31 21.31 -0.18
N GLY B 52 -10.30 20.35 -1.08
CA GLY B 52 -9.07 19.88 -1.67
C GLY B 52 -9.30 19.47 -3.10
N ALA B 53 -8.24 19.03 -3.75
CA ALA B 53 -8.30 18.72 -5.17
C ALA B 53 -7.21 17.74 -5.56
N PHE B 54 -7.42 17.06 -6.70
CA PHE B 54 -6.49 16.10 -7.25
C PHE B 54 -5.49 16.68 -8.22
N TYR B 55 -4.27 16.15 -8.16
CA TYR B 55 -3.25 16.48 -9.12
C TYR B 55 -2.37 15.25 -9.32
N TRP B 56 -2.04 14.93 -10.56
CA TRP B 56 -1.24 13.75 -10.89
C TRP B 56 0.25 14.10 -10.91
N LEU B 57 1.05 13.32 -10.18
CA LEU B 57 2.49 13.50 -10.23
C LEU B 57 3.11 12.80 -11.42
N ASN B 58 2.45 11.75 -11.89
CA ASN B 58 2.89 11.01 -13.05
C ASN B 58 1.72 10.13 -13.49
N ASN B 59 1.91 9.23 -14.45
CA ASN B 59 0.81 8.47 -14.97
C ASN B 59 0.20 7.41 -14.01
N ARG B 60 0.89 7.13 -12.89
CA ARG B 60 0.46 6.12 -11.96
C ARG B 60 0.12 6.62 -10.57
N GLU B 61 0.24 7.92 -10.32
CA GLU B 61 0.02 8.41 -8.95
C GLU B 61 -0.69 9.75 -8.94
N VAL B 62 -1.82 9.79 -8.21
CA VAL B 62 -2.58 11.01 -8.05
C VAL B 62 -2.50 11.41 -6.58
N ARG B 63 -2.45 12.70 -6.34
CA ARG B 63 -2.39 13.26 -5.00
C ARG B 63 -3.59 14.15 -4.73
N TRP B 64 -4.03 14.25 -3.48
CA TRP B 64 -5.08 15.17 -3.10
C TRP B 64 -4.68 15.90 -1.84
N ARG B 65 -4.86 17.21 -1.84
CA ARG B 65 -4.54 18.01 -0.69
C ARG B 65 -5.33 19.30 -0.71
N PRO B 66 -5.40 20.01 0.43
CA PRO B 66 -6.03 21.34 0.46
C PRO B 66 -5.08 22.44 -0.04
N GLU B 67 -5.64 23.64 -0.06
CA GLU B 67 -4.93 24.87 -0.45
C GLU B 67 -3.79 25.18 0.51
N HIS B 68 -4.07 25.04 1.79
CA HIS B 68 -3.11 25.26 2.88
C HIS B 68 -2.82 23.95 3.61
N PHE B 69 -1.76 23.97 4.39
CA PHE B 69 -1.45 22.85 5.26
C PHE B 69 -2.70 22.48 6.07
N TRP B 70 -2.86 21.20 6.33
CA TRP B 70 -4.01 20.71 7.10
C TRP B 70 -4.04 21.38 8.47
N LYS B 71 -5.25 21.47 9.01
CA LYS B 71 -5.45 21.88 10.38
C LYS B 71 -5.18 20.67 11.30
N PRO B 72 -4.35 20.84 12.33
CA PRO B 72 -4.14 19.78 13.30
C PRO B 72 -5.45 19.24 13.87
N GLY B 73 -5.52 17.92 14.00
CA GLY B 73 -6.73 17.29 14.47
C GLY B 73 -7.71 16.85 13.42
N THR B 74 -7.55 17.32 12.19
CA THR B 74 -8.43 16.90 11.11
C THR B 74 -8.43 15.40 10.92
N ALA B 75 -9.61 14.80 10.81
CA ALA B 75 -9.77 13.38 10.51
C ALA B 75 -10.10 13.25 9.04
N VAL B 76 -9.43 12.32 8.38
CA VAL B 76 -9.56 12.16 6.93
C VAL B 76 -9.96 10.74 6.63
N ASP B 77 -10.98 10.55 5.80
CA ASP B 77 -11.37 9.24 5.30
C ASP B 77 -11.27 9.23 3.80
N VAL B 78 -10.66 8.20 3.27
CA VAL B 78 -10.49 8.03 1.83
C VAL B 78 -11.07 6.70 1.42
N ALA B 79 -11.99 6.72 0.46
CA ALA B 79 -12.59 5.52 -0.06
C ALA B 79 -12.18 5.46 -1.52
N VAL B 80 -11.32 4.52 -1.89
CA VAL B 80 -10.91 4.39 -3.26
C VAL B 80 -11.82 3.33 -3.85
N ASN B 81 -12.93 3.78 -4.46
CA ASN B 81 -13.98 2.85 -4.90
C ASN B 81 -13.78 2.46 -6.36
N THR B 82 -12.66 1.82 -6.64
CA THR B 82 -12.26 1.52 -7.99
C THR B 82 -12.76 0.15 -8.50
N TYR B 83 -13.41 -0.65 -7.66
CA TYR B 83 -13.78 -2.00 -8.11
C TYR B 83 -14.73 -1.85 -9.31
N GLY B 84 -14.41 -2.51 -10.41
CA GLY B 84 -15.28 -2.49 -11.58
C GLY B 84 -15.30 -1.20 -12.37
N VAL B 85 -14.44 -0.23 -12.03
CA VAL B 85 -14.43 1.07 -12.71
C VAL B 85 -13.57 0.95 -13.97
N ASP B 86 -14.11 1.43 -15.08
CA ASP B 86 -13.40 1.42 -16.36
C ASP B 86 -12.42 2.59 -16.31
N LEU B 87 -11.15 2.28 -16.26
CA LEU B 87 -10.14 3.32 -16.12
C LEU B 87 -9.50 3.65 -17.46
N GLY B 88 -10.17 3.24 -18.55
CA GLY B 88 -9.71 3.53 -19.90
C GLY B 88 -8.88 2.41 -20.50
N GLU B 89 -9.02 2.26 -21.81
CA GLU B 89 -8.28 1.26 -22.58
C GLU B 89 -8.53 -0.13 -22.11
N GLY B 90 -9.80 -0.38 -21.82
CA GLY B 90 -10.20 -1.68 -21.30
C GLY B 90 -9.59 -2.03 -19.95
N MET B 91 -9.01 -1.08 -19.21
CA MET B 91 -8.46 -1.41 -17.89
C MET B 91 -9.53 -1.23 -16.80
N PHE B 92 -9.65 -2.20 -15.88
CA PHE B 92 -10.64 -2.10 -14.80
C PHE B 92 -10.04 -2.21 -13.42
N GLY B 93 -10.60 -1.44 -12.47
CA GLY B 93 -10.22 -1.59 -11.08
C GLY B 93 -10.60 -2.95 -10.52
N GLU B 94 -9.66 -3.54 -9.83
CA GLU B 94 -9.76 -4.90 -9.37
C GLU B 94 -10.35 -5.03 -7.96
N ASP B 95 -10.39 -3.92 -7.23
CA ASP B 95 -10.61 -3.93 -5.82
C ASP B 95 -10.82 -2.51 -5.36
N ASN B 96 -11.43 -2.35 -4.18
CA ASN B 96 -11.47 -1.07 -3.48
C ASN B 96 -10.42 -1.10 -2.36
N VAL B 97 -9.92 0.08 -1.98
CA VAL B 97 -9.10 0.22 -0.76
C VAL B 97 -9.58 1.45 0.00
N GLN B 98 -9.19 1.57 1.26
CA GLN B 98 -9.62 2.68 2.08
C GLN B 98 -8.60 2.99 3.14
N THR B 99 -8.67 4.19 3.68
CA THR B 99 -7.85 4.54 4.81
C THR B 99 -8.55 5.58 5.65
N HIS B 100 -8.25 5.60 6.95
CA HIS B 100 -8.64 6.67 7.86
C HIS B 100 -7.39 7.14 8.55
N PHE B 101 -7.15 8.45 8.62
CA PHE B 101 -6.00 8.96 9.33
C PHE B 101 -6.30 10.30 9.98
N THR B 102 -5.35 10.76 10.81
CA THR B 102 -5.51 11.94 11.62
C THR B 102 -4.31 12.86 11.40
N ILE B 103 -4.57 14.17 11.33
CA ILE B 103 -3.49 15.14 11.24
C ILE B 103 -2.95 15.45 12.62
N GLY B 104 -1.66 15.34 12.80
CA GLY B 104 -1.01 15.67 14.06
C GLY B 104 -0.70 17.14 14.25
N ASP B 105 0.17 17.44 15.21
CA ASP B 105 0.61 18.78 15.47
C ASP B 105 1.22 19.42 14.23
N GLU B 106 1.13 20.73 14.13
CA GLU B 106 1.85 21.47 13.10
C GLU B 106 3.34 21.52 13.44
N VAL B 107 4.16 20.91 12.61
CA VAL B 107 5.57 20.87 12.80
C VAL B 107 6.19 21.33 11.50
N ILE B 108 6.87 22.46 11.56
CA ILE B 108 7.45 23.10 10.38
C ILE B 108 8.88 23.45 10.74
N ALA B 109 9.81 22.88 10.01
CA ALA B 109 11.23 23.17 10.20
C ALA B 109 11.72 24.04 9.08
N THR B 110 12.32 25.19 9.40
CA THR B 110 12.77 26.12 8.38
C THR B 110 14.27 26.11 8.36
N ALA B 111 14.84 25.75 7.23
CA ALA B 111 16.30 25.75 7.02
C ALA B 111 16.63 27.02 6.22
N ASP B 112 17.22 28.01 6.90
CA ASP B 112 17.48 29.31 6.31
C ASP B 112 18.96 29.39 5.97
N ASP B 113 19.30 29.49 4.69
CA ASP B 113 20.69 29.54 4.29
C ASP B 113 21.37 30.84 4.65
N ASN B 114 20.62 31.90 4.92
CA ASN B 114 21.25 33.17 5.37
C ASN B 114 21.74 33.07 6.80
N THR B 115 21.07 32.32 7.67
CA THR B 115 21.55 32.12 9.04
C THR B 115 22.27 30.79 9.23
N LYS B 116 22.09 29.88 8.29
CA LYS B 116 22.57 28.51 8.41
C LYS B 116 22.11 27.78 9.66
N ILE B 117 20.86 28.02 9.99
CA ILE B 117 20.18 27.40 11.10
C ILE B 117 18.88 26.79 10.61
N LEU B 118 18.63 25.57 11.09
CA LEU B 118 17.36 24.89 10.88
C LEU B 118 16.55 25.00 12.18
N THR B 119 15.41 25.69 12.12
CA THR B 119 14.60 25.94 13.29
C THR B 119 13.34 25.11 13.19
N VAL B 120 13.05 24.34 14.25
CA VAL B 120 11.85 23.51 14.29
C VAL B 120 10.81 24.18 15.16
N ARG B 121 9.64 24.46 14.59
CA ARG B 121 8.53 25.04 15.32
C ARG B 121 7.41 24.03 15.41
N VAL B 122 6.86 23.87 16.60
CA VAL B 122 5.71 23.02 16.83
C VAL B 122 4.57 23.91 17.26
N ASN B 123 3.49 23.91 16.51
CA ASN B 123 2.36 24.81 16.72
C ASN B 123 2.83 26.26 16.96
N GLY B 124 3.81 26.67 16.17
CA GLY B 124 4.29 28.04 16.16
C GLY B 124 5.43 28.31 17.11
N GLU B 125 5.78 27.38 17.98
CA GLU B 125 6.79 27.68 19.00
C GLU B 125 8.09 27.02 18.67
N VAL B 126 9.19 27.75 18.80
CA VAL B 126 10.49 27.16 18.59
C VAL B 126 10.75 26.10 19.65
N VAL B 127 11.08 24.90 19.21
CA VAL B 127 11.50 23.85 20.11
C VAL B 127 12.93 23.40 19.94
N LYS B 128 13.53 23.65 18.78
CA LYS B 128 14.88 23.28 18.50
C LYS B 128 15.46 24.21 17.46
N SER B 129 16.75 24.49 17.60
CA SER B 129 17.50 25.26 16.63
C SER B 129 18.72 24.42 16.36
N MET B 130 19.04 24.17 15.09
CA MET B 130 20.18 23.32 14.72
C MET B 130 21.03 23.98 13.63
N PRO B 131 22.35 24.17 13.86
CA PRO B 131 23.22 24.60 12.79
C PRO B 131 23.24 23.59 11.66
N THR B 132 23.28 24.09 10.42
CA THR B 132 23.28 23.20 9.28
C THR B 132 24.35 23.55 8.26
N SER B 133 24.75 22.55 7.47
CA SER B 133 25.57 22.75 6.28
C SER B 133 24.80 22.08 5.17
N MET B 134 24.36 22.87 4.19
CA MET B 134 23.52 22.40 3.08
C MET B 134 24.39 22.23 1.84
N GLY B 135 23.79 22.13 0.65
CA GLY B 135 24.56 21.84 -0.56
C GLY B 135 25.52 22.98 -0.87
N LYS B 136 26.75 22.61 -1.22
CA LYS B 136 27.73 23.59 -1.68
C LYS B 136 27.22 24.35 -2.88
N ASP B 137 27.85 25.50 -3.14
CA ASP B 137 27.34 26.41 -4.19
C ASP B 137 27.17 25.72 -5.52
N SER B 138 28.06 24.79 -5.87
CA SER B 138 27.97 24.09 -7.15
C SER B 138 26.93 22.96 -7.20
N THR B 139 26.46 22.48 -6.03
CA THR B 139 25.42 21.46 -5.95
C THR B 139 24.46 21.88 -4.82
N PRO B 140 23.78 23.02 -4.99
CA PRO B 140 23.01 23.59 -3.89
C PRO B 140 21.73 22.83 -3.55
N THR B 141 21.27 23.05 -2.34
CA THR B 141 19.97 22.55 -1.92
C THR B 141 18.90 23.46 -2.53
N ALA B 142 17.88 22.90 -3.17
CA ALA B 142 16.79 23.73 -3.68
C ALA B 142 15.93 24.36 -2.58
N ASN B 143 15.51 25.60 -2.81
CA ASN B 143 14.55 26.22 -1.93
C ASN B 143 13.19 25.59 -2.14
N GLY B 144 12.32 25.75 -1.16
CA GLY B 144 10.91 25.34 -1.31
C GLY B 144 10.39 24.57 -0.12
N ILE B 145 9.21 23.95 -0.31
CA ILE B 145 8.52 23.25 0.73
C ILE B 145 8.68 21.78 0.43
N TYR B 146 9.22 21.06 1.40
CA TYR B 146 9.47 19.61 1.35
C TYR B 146 8.58 18.94 2.36
N ILE B 147 7.96 17.83 1.97
CA ILE B 147 7.21 16.99 2.90
C ILE B 147 8.12 15.89 3.43
N VAL B 148 8.09 15.67 4.75
CA VAL B 148 8.88 14.63 5.34
C VAL B 148 8.34 13.26 4.92
N GLY B 149 9.26 12.37 4.55
CA GLY B 149 8.91 11.01 4.15
C GLY B 149 9.43 10.00 5.15
N SER B 150 10.17 9.02 4.64
CA SER B 150 10.66 7.91 5.46
C SER B 150 11.85 8.31 6.30
N ARG B 151 12.19 7.48 7.29
CA ARG B 151 13.34 7.73 8.15
C ARG B 151 14.14 6.44 8.35
N TYR B 152 15.43 6.59 8.53
CA TYR B 152 16.40 5.47 8.63
C TYR B 152 17.33 5.71 9.80
N LYS B 153 17.50 4.71 10.66
CA LYS B 153 18.48 4.83 11.73
C LYS B 153 19.91 4.82 11.22
N HIS B 154 20.16 3.91 10.28
CA HIS B 154 21.48 3.73 9.69
C HIS B 154 21.28 3.34 8.26
N ILE B 155 22.06 3.94 7.37
CA ILE B 155 21.88 3.64 5.97
C ILE B 155 23.14 3.95 5.21
N ILE B 156 23.36 3.22 4.14
CA ILE B 156 24.44 3.59 3.22
C ILE B 156 23.81 4.47 2.17
N MET B 157 24.19 5.74 2.16
CA MET B 157 23.74 6.63 1.11
C MET B 157 24.67 6.43 -0.07
N ASP B 158 24.15 5.88 -1.15
CA ASP B 158 24.95 5.51 -2.33
C ASP B 158 24.25 6.16 -3.54
N SER B 159 24.95 7.06 -4.23
CA SER B 159 24.38 7.79 -5.34
C SER B 159 24.02 6.88 -6.49
N SER B 160 24.56 5.66 -6.52
CA SER B 160 24.16 4.74 -7.60
C SER B 160 22.70 4.32 -7.49
N THR B 161 22.10 4.51 -6.33
CA THR B 161 20.66 4.31 -6.15
C THR B 161 19.87 5.19 -7.07
N TYR B 162 20.37 6.40 -7.28
CA TYR B 162 19.72 7.39 -8.12
C TYR B 162 20.35 7.45 -9.51
N GLY B 163 21.12 6.42 -9.90
CA GLY B 163 21.72 6.34 -11.22
C GLY B 163 22.91 7.27 -11.40
N VAL B 164 23.55 7.66 -10.30
CA VAL B 164 24.74 8.49 -10.39
C VAL B 164 25.92 7.71 -9.86
N PRO B 165 26.93 7.43 -10.73
CA PRO B 165 28.02 6.61 -10.18
C PRO B 165 28.79 7.30 -9.04
N VAL B 166 29.21 6.50 -8.08
CA VAL B 166 29.86 7.00 -6.86
C VAL B 166 31.11 7.72 -7.27
N ASN B 167 31.83 7.08 -8.20
CA ASN B 167 33.07 7.63 -8.75
C ASN B 167 32.85 8.80 -9.73
N SER B 168 31.65 9.37 -9.70
CA SER B 168 31.24 10.50 -10.53
C SER B 168 31.38 11.77 -9.76
N PRO B 169 31.19 12.94 -10.43
CA PRO B 169 31.34 14.16 -9.65
C PRO B 169 30.43 14.34 -8.46
N ASN B 170 29.14 14.18 -8.63
CA ASN B 170 28.31 14.31 -7.42
C ASN B 170 27.80 12.97 -6.97
N GLY B 171 28.66 11.98 -7.11
CA GLY B 171 28.41 10.67 -6.54
C GLY B 171 28.85 10.62 -5.09
N TYR B 172 28.43 9.56 -4.41
CA TYR B 172 28.76 9.36 -3.00
C TYR B 172 28.43 7.97 -2.57
N ARG B 173 29.14 7.46 -1.58
CA ARG B 173 28.83 6.22 -0.91
C ARG B 173 29.28 6.44 0.53
N THR B 174 28.35 6.81 1.40
CA THR B 174 28.69 7.25 2.76
C THR B 174 27.72 6.60 3.71
N ASP B 175 28.24 5.97 4.75
CA ASP B 175 27.41 5.44 5.84
C ASP B 175 26.93 6.64 6.65
N VAL B 176 25.61 6.75 6.85
CA VAL B 176 25.10 7.84 7.68
C VAL B 176 24.05 7.35 8.67
N ASP B 177 23.97 8.06 9.78
CA ASP B 177 23.02 7.75 10.81
C ASP B 177 21.90 8.79 10.81
N TRP B 178 20.74 8.37 11.27
CA TRP B 178 19.64 9.27 11.66
C TRP B 178 19.20 10.17 10.48
N ALA B 179 18.79 9.50 9.42
CA ALA B 179 18.44 10.14 8.14
C ALA B 179 16.95 10.20 7.94
N THR B 180 16.44 11.41 7.73
CA THR B 180 15.04 11.65 7.48
C THR B 180 14.90 12.17 6.05
N GLN B 181 14.15 11.45 5.25
CA GLN B 181 13.99 11.81 3.84
C GLN B 181 13.05 12.99 3.67
N ILE B 182 13.46 13.98 2.87
CA ILE B 182 12.59 15.08 2.53
C ILE B 182 12.32 15.27 1.03
N SER B 183 12.98 14.50 0.17
CA SER B 183 12.60 14.47 -1.28
C SER B 183 12.88 13.11 -1.88
N TYR B 184 12.10 12.77 -2.91
CA TYR B 184 12.36 11.52 -3.63
C TYR B 184 13.69 11.60 -4.41
N SER B 185 14.14 12.80 -4.72
CA SER B 185 15.41 13.01 -5.43
C SER B 185 16.60 12.65 -4.53
N GLY B 186 16.37 12.43 -3.24
CA GLY B 186 17.41 11.92 -2.34
C GLY B 186 17.95 12.96 -1.34
N VAL B 187 17.19 14.02 -1.06
CA VAL B 187 17.58 14.99 -0.04
C VAL B 187 17.10 14.47 1.32
N PHE B 188 18.01 14.44 2.29
CA PHE B 188 17.73 14.03 3.63
C PHE B 188 18.23 15.08 4.62
N VAL B 189 17.64 15.08 5.82
CA VAL B 189 18.27 15.69 7.00
C VAL B 189 18.98 14.51 7.70
N HIS B 190 20.26 14.62 8.02
CA HIS B 190 20.99 13.48 8.59
C HIS B 190 22.17 13.91 9.42
N SER B 191 22.73 12.93 10.16
CA SER B 191 23.90 13.16 10.96
C SER B 191 25.12 13.32 10.07
N ALA B 192 25.95 14.31 10.35
CA ALA B 192 27.17 14.55 9.62
C ALA B 192 28.29 14.95 10.58
N PRO B 193 28.93 13.97 11.26
CA PRO B 193 30.02 14.35 12.16
C PRO B 193 31.15 15.09 11.48
N TRP B 194 31.40 14.73 10.22
CA TRP B 194 32.50 15.31 9.48
C TRP B 194 32.38 16.81 9.18
N SER B 195 31.16 17.34 9.19
CA SER B 195 30.95 18.74 8.86
C SER B 195 30.47 19.58 10.03
N VAL B 196 30.66 19.11 11.27
CA VAL B 196 30.22 19.90 12.43
C VAL B 196 30.89 21.28 12.48
N GLY B 197 32.18 21.37 12.12
CA GLY B 197 32.85 22.68 12.04
C GLY B 197 32.19 23.63 11.06
N ALA B 198 31.74 23.09 9.94
CA ALA B 198 31.11 23.88 8.88
C ALA B 198 29.65 24.23 9.17
N GLN B 199 28.97 23.38 9.92
CA GLN B 199 27.54 23.58 10.20
C GLN B 199 27.36 24.93 10.89
N GLY B 200 26.44 25.74 10.37
CA GLY B 200 26.28 27.12 10.83
C GLY B 200 27.16 28.14 10.14
N HIS B 201 27.99 27.70 9.20
CA HIS B 201 28.98 28.59 8.58
C HIS B 201 29.10 28.43 7.11
N THR B 202 29.37 27.20 6.65
CA THR B 202 29.59 26.95 5.25
C THR B 202 28.88 25.71 4.74
N ASN B 203 28.45 25.78 3.49
CA ASN B 203 27.74 24.68 2.85
C ASN B 203 28.72 23.77 2.15
N THR B 204 28.68 22.49 2.47
CA THR B 204 29.65 21.51 1.98
C THR B 204 29.09 20.22 1.39
N SER B 205 27.78 20.00 1.40
CA SER B 205 27.19 18.75 0.97
C SER B 205 26.85 18.70 -0.51
N HIS B 206 26.32 17.56 -0.94
CA HIS B 206 25.81 17.35 -2.28
C HIS B 206 24.38 17.81 -2.45
N GLY B 207 23.75 18.30 -1.37
CA GLY B 207 22.36 18.70 -1.40
C GLY B 207 21.64 18.44 -0.09
N CYS B 208 22.07 17.44 0.66
CA CYS B 208 21.42 17.12 1.94
C CYS B 208 21.71 18.17 3.03
N LEU B 209 20.89 18.15 4.05
CA LEU B 209 20.99 19.05 5.18
C LEU B 209 21.77 18.31 6.26
N ASN B 210 23.06 18.60 6.33
CA ASN B 210 23.91 18.05 7.36
C ASN B 210 23.65 18.76 8.70
N VAL B 211 23.43 18.01 9.77
CA VAL B 211 23.34 18.58 11.12
C VAL B 211 24.16 17.69 12.04
N SER B 212 24.30 18.08 13.29
CA SER B 212 25.13 17.29 14.23
C SER B 212 24.50 15.95 14.54
N PRO B 213 25.31 14.99 15.03
CA PRO B 213 24.66 13.72 15.34
C PRO B 213 23.49 13.80 16.33
N SER B 214 23.64 14.58 17.38
N SER B 214 23.62 14.57 17.39
CA SER B 214 22.60 14.75 18.36
CA SER B 214 22.53 14.67 18.36
C SER B 214 21.33 15.32 17.73
C SER B 214 21.30 15.36 17.77
N ASN B 215 21.52 16.37 16.94
CA ASN B 215 20.39 17.05 16.32
C ASN B 215 19.69 16.18 15.27
N ALA B 216 20.48 15.38 14.55
CA ALA B 216 19.89 14.46 13.57
C ALA B 216 19.04 13.38 14.23
N GLN B 217 19.52 12.86 15.36
CA GLN B 217 18.75 11.86 16.09
C GLN B 217 17.49 12.52 16.64
N TRP B 218 17.61 13.75 17.13
CA TRP B 218 16.43 14.50 17.58
C TRP B 218 15.40 14.64 16.46
N PHE B 219 15.87 15.02 15.29
CA PHE B 219 15.00 15.18 14.14
C PHE B 219 14.30 13.84 13.76
N TYR B 220 15.08 12.77 13.73
CA TYR B 220 14.57 11.45 13.42
C TYR B 220 13.46 11.05 14.39
N ASP B 221 13.68 11.36 15.68
CA ASP B 221 12.72 11.00 16.73
C ASP B 221 11.49 11.89 16.78
N HIS B 222 11.59 13.17 16.39
CA HIS B 222 10.51 14.14 16.63
C HIS B 222 9.81 14.67 15.43
N VAL B 223 10.39 14.47 14.26
CA VAL B 223 9.74 14.92 13.04
C VAL B 223 9.21 13.64 12.40
N LYS B 224 8.01 13.70 11.89
CA LYS B 224 7.31 12.51 11.39
C LYS B 224 6.92 12.73 9.94
N ARG B 225 6.49 11.65 9.32
CA ARG B 225 5.94 11.64 7.99
C ARG B 225 4.86 12.69 7.88
N GLY B 226 4.99 13.55 6.88
CA GLY B 226 3.99 14.59 6.66
C GLY B 226 4.28 15.92 7.31
N ASP B 227 5.21 15.97 8.24
CA ASP B 227 5.69 17.26 8.72
C ASP B 227 6.39 18.00 7.56
N ILE B 228 6.69 19.29 7.76
CA ILE B 228 7.18 20.13 6.68
C ILE B 228 8.59 20.62 6.96
N VAL B 229 9.44 20.60 5.93
CA VAL B 229 10.73 21.32 5.94
C VAL B 229 10.63 22.39 4.87
N GLU B 230 10.89 23.64 5.23
CA GLU B 230 10.98 24.72 4.24
C GLU B 230 12.41 25.16 4.15
N VAL B 231 12.94 25.16 2.94
CA VAL B 231 14.31 25.65 2.71
C VAL B 231 14.17 27.02 2.05
N VAL B 232 14.90 28.00 2.59
CA VAL B 232 14.86 29.36 2.11
C VAL B 232 16.24 29.95 1.98
N ASN B 233 16.33 30.91 1.07
CA ASN B 233 17.52 31.73 0.85
C ASN B 233 18.75 31.02 0.30
N THR B 234 18.62 29.84 -0.30
CA THR B 234 19.78 29.21 -0.89
C THR B 234 20.04 29.77 -2.28
N VAL B 235 21.21 29.42 -2.83
CA VAL B 235 21.55 29.81 -4.19
C VAL B 235 20.95 28.86 -5.23
N GLY B 236 20.14 27.88 -4.79
CA GLY B 236 19.56 26.92 -5.68
C GLY B 236 18.28 27.39 -6.33
N GLY B 237 17.68 26.50 -7.10
CA GLY B 237 16.36 26.73 -7.69
C GLY B 237 15.29 26.31 -6.69
N THR B 238 14.19 25.79 -7.21
CA THR B 238 13.04 25.42 -6.37
C THR B 238 12.80 23.95 -6.58
N LEU B 239 12.47 23.25 -5.49
CA LEU B 239 12.19 21.85 -5.59
C LEU B 239 11.00 21.59 -6.57
N PRO B 240 11.14 20.63 -7.48
CA PRO B 240 10.02 20.39 -8.40
C PRO B 240 8.75 19.96 -7.70
N GLY B 241 7.61 20.50 -8.14
CA GLY B 241 6.32 20.09 -7.63
C GLY B 241 5.99 18.62 -7.76
N ILE B 242 6.57 17.96 -8.75
CA ILE B 242 6.27 16.54 -8.99
C ILE B 242 7.39 15.62 -8.51
N ASP B 243 8.24 16.11 -7.62
CA ASP B 243 9.29 15.28 -7.02
C ASP B 243 8.78 13.96 -6.45
N GLY B 244 7.65 14.05 -5.75
CA GLY B 244 7.17 13.00 -4.89
C GLY B 244 6.91 13.49 -3.47
N LEU B 245 7.71 14.48 -3.04
CA LEU B 245 7.49 15.13 -1.75
C LEU B 245 7.50 16.65 -1.92
N GLY B 246 7.30 17.11 -3.15
CA GLY B 246 7.33 18.51 -3.48
C GLY B 246 5.99 19.14 -3.79
N ASP B 247 4.91 18.45 -3.44
CA ASP B 247 3.56 18.86 -3.86
C ASP B 247 3.23 20.32 -3.60
N TRP B 248 3.67 20.84 -2.45
CA TRP B 248 3.29 22.18 -2.06
C TRP B 248 4.00 23.29 -2.89
N ASN B 249 4.98 22.93 -3.74
CA ASN B 249 5.58 23.91 -4.64
C ASN B 249 4.75 24.20 -5.87
N ILE B 250 3.64 23.49 -6.05
CA ILE B 250 2.71 23.82 -7.12
C ILE B 250 1.67 24.73 -6.48
N PRO B 251 1.50 25.95 -6.99
CA PRO B 251 0.55 26.84 -6.33
C PRO B 251 -0.87 26.29 -6.43
N TRP B 252 -1.67 26.65 -5.45
CA TRP B 252 -3.04 26.15 -5.39
C TRP B 252 -3.84 26.39 -6.68
N ASP B 253 -3.73 27.57 -7.30
CA ASP B 253 -4.50 27.78 -8.53
C ASP B 253 -4.20 26.74 -9.62
N GLN B 254 -2.94 26.37 -9.79
CA GLN B 254 -2.57 25.32 -10.70
C GLN B 254 -2.97 23.93 -10.19
N TRP B 255 -2.71 23.67 -8.91
CA TRP B 255 -3.07 22.37 -8.32
C TRP B 255 -4.59 22.09 -8.47
N ARG B 256 -5.39 23.08 -8.12
CA ARG B 256 -6.84 22.95 -8.16
C ARG B 256 -7.35 22.72 -9.57
N ALA B 257 -6.73 23.38 -10.56
CA ALA B 257 -7.14 23.17 -11.94
C ALA B 257 -6.87 21.73 -12.38
N GLY B 258 -5.87 21.11 -11.79
CA GLY B 258 -5.58 19.70 -12.04
C GLY B 258 -4.94 19.46 -13.40
N ASN B 259 -4.75 18.17 -13.70
CA ASN B 259 -4.11 17.77 -14.95
C ASN B 259 -4.67 16.44 -15.43
N ALA B 260 -5.97 16.25 -15.23
CA ALA B 260 -6.63 15.02 -15.63
C ALA B 260 -6.64 14.86 -17.15
N LYS B 261 -6.54 15.95 -17.89
CA LYS B 261 -6.45 15.83 -19.35
C LYS B 261 -5.01 15.76 -19.82
N ALA B 262 -4.03 15.54 -18.93
CA ALA B 262 -2.63 15.45 -19.29
C ALA B 262 -2.15 13.98 -19.25
S1 BT6 C . -20.43 -13.05 -7.59
C1 BT6 C . -21.52 -12.93 -8.91
C6 BT6 C . -21.10 -13.33 -10.17
C5 BT6 C . -21.98 -13.23 -11.24
C4 BT6 C . -23.27 -12.72 -11.04
C3 BT6 C . -23.67 -12.32 -9.76
C2 BT6 C . -22.79 -12.42 -8.69
C TAM D . -26.83 -15.40 -10.32
C1 TAM D . -28.02 -16.42 -10.35
C2 TAM D . -27.00 -14.34 -11.39
C3 TAM D . -26.56 -14.63 -9.03
C4 TAM D . -28.87 -16.60 -9.10
C5 TAM D . -27.34 -14.95 -12.76
C6 TAM D . -25.70 -15.39 -8.05
N TAM D . -25.62 -16.05 -10.80
O4 TAM D . -28.82 -17.84 -8.40
O5 TAM D . -28.73 -14.67 -12.97
O6 TAM D . -24.30 -15.22 -8.18
S1 BT6 E . 21.71 12.64 2.10
C1 BT6 E . 23.39 12.29 1.90
C6 BT6 E . 24.17 11.91 2.97
C5 BT6 E . 25.53 11.65 2.79
C4 BT6 E . 26.09 11.77 1.53
C3 BT6 E . 25.31 12.16 0.46
C2 BT6 E . 23.96 12.42 0.63
#